data_5NRR
#
_entry.id   5NRR
#
_cell.length_a   73.502
_cell.length_b   73.502
_cell.length_c   159.958
_cell.angle_alpha   90.000
_cell.angle_beta   90.000
_cell.angle_gamma   120.000
#
_symmetry.space_group_name_H-M   'P 32 2 1'
#
loop_
_entity.id
_entity.type
_entity.pdbx_description
1 polymer 'DNA (cytosine-5)-methyltransferase 3B'
2 non-polymer 5-[2-hydroxyethyl(propyl)amino]pentan-1-ol
3 non-polymer 'SULFATE ION'
4 water water
#
_entity_poly.entity_id   1
_entity_poly.type   'polypeptide(L)'
_entity_poly.pdbx_seq_one_letter_code
;EADSGDGDSSEYQDGKEFGIGDLVWGKIKGFSWWPAMVVSWKATSKRQAMSGMRWVQWFGDGKFSEVSADKLVALGLFSQ
HFNLATFNKLVSYRKAMYHALEKARVRAGKTFPSSPGDSLEDQLKPMLEWAHGGFKPTGIEGLKPNNTQP
;
_entity_poly.pdbx_strand_id   A,B
#
loop_
_chem_comp.id
_chem_comp.type
_chem_comp.name
_chem_comp.formula
96E non-polymer 5-[2-hydroxyethyl(propyl)amino]pentan-1-ol 'C10 H23 N O2'
SO4 non-polymer 'SULFATE ION' 'O4 S -2'
#
# COMPACT_ATOMS: atom_id res chain seq x y z
N ASP A 8 -4.71 0.61 -22.14
CA ASP A 8 -3.59 1.54 -21.94
C ASP A 8 -2.84 1.26 -20.64
N SER A 9 -2.33 2.33 -20.02
CA SER A 9 -1.43 2.21 -18.88
C SER A 9 -1.49 3.50 -18.05
N SER A 10 -1.71 3.37 -16.73
CA SER A 10 -1.83 4.56 -15.86
C SER A 10 -1.74 4.21 -14.36
N GLU A 11 -1.73 5.25 -13.53
CA GLU A 11 -1.62 5.09 -12.07
C GLU A 11 -2.76 4.23 -11.51
N TYR A 12 -2.37 3.24 -10.72
CA TYR A 12 -3.30 2.33 -10.03
C TYR A 12 -4.01 1.32 -10.94
N GLN A 13 -3.57 1.20 -12.19
CA GLN A 13 -4.20 0.24 -13.10
C GLN A 13 -3.57 -1.14 -12.91
N ASP A 14 -3.76 -1.69 -11.71
CA ASP A 14 -3.15 -2.97 -11.37
C ASP A 14 -4.20 -4.05 -11.15
N GLY A 15 -5.46 -3.74 -11.48
CA GLY A 15 -6.52 -4.72 -11.41
C GLY A 15 -7.19 -4.80 -10.05
N LYS A 16 -6.70 -4.00 -9.10
CA LYS A 16 -7.29 -4.00 -7.75
C LYS A 16 -8.21 -2.80 -7.51
N GLU A 17 -8.94 -2.85 -6.42
CA GLU A 17 -9.98 -1.87 -6.10
C GLU A 17 -9.37 -0.50 -5.78
N PHE A 18 -10.22 0.54 -5.86
CA PHE A 18 -9.95 1.90 -5.36
C PHE A 18 -9.18 2.80 -6.32
N GLY A 19 -9.75 3.97 -6.55
CA GLY A 19 -9.16 4.94 -7.45
C GLY A 19 -9.08 6.30 -6.79
N ILE A 20 -8.37 7.23 -7.43
CA ILE A 20 -8.19 8.58 -6.89
C ILE A 20 -9.51 9.24 -6.52
N GLY A 21 -9.58 9.77 -5.30
CA GLY A 21 -10.76 10.47 -4.83
C GLY A 21 -11.71 9.63 -3.98
N ASP A 22 -11.50 8.31 -3.99
CA ASP A 22 -12.40 7.40 -3.25
C ASP A 22 -12.24 7.63 -1.76
N LEU A 23 -13.36 7.69 -1.03
CA LEU A 23 -13.33 7.74 0.44
C LEU A 23 -13.25 6.32 0.98
N VAL A 24 -12.31 6.08 1.88
CA VAL A 24 -12.04 4.72 2.35
C VAL A 24 -11.81 4.69 3.84
N TRP A 25 -11.89 3.48 4.41
CA TRP A 25 -11.25 3.19 5.68
C TRP A 25 -9.94 2.49 5.35
N GLY A 26 -8.88 2.82 6.08
CA GLY A 26 -7.59 2.18 5.90
C GLY A 26 -7.09 1.61 7.20
N LYS A 27 -6.41 0.47 7.12
CA LYS A 27 -5.94 -0.25 8.29
C LYS A 27 -4.42 -0.32 8.33
N ILE A 28 -3.82 0.33 9.31
N ILE A 28 -3.82 0.34 9.31
CA ILE A 28 -2.41 0.20 9.62
CA ILE A 28 -2.39 0.19 9.60
C ILE A 28 -2.27 -0.59 10.91
C ILE A 28 -2.27 -0.59 10.90
N LYS A 29 -1.30 -1.50 10.98
CA LYS A 29 -1.05 -2.24 12.22
C LYS A 29 -0.81 -1.25 13.37
N GLY A 30 -1.49 -1.45 14.49
CA GLY A 30 -1.40 -0.54 15.62
C GLY A 30 -2.44 0.57 15.66
N PHE A 31 -3.38 0.55 14.71
CA PHE A 31 -4.40 1.58 14.65
C PHE A 31 -5.74 0.99 14.27
N SER A 32 -6.82 1.60 14.78
CA SER A 32 -8.16 1.22 14.33
C SER A 32 -8.28 1.55 12.86
N TRP A 33 -9.24 0.93 12.18
CA TRP A 33 -9.59 1.37 10.82
C TRP A 33 -9.80 2.89 10.86
N TRP A 34 -9.25 3.62 9.90
CA TRP A 34 -9.25 5.07 9.98
C TRP A 34 -9.65 5.65 8.63
N PRO A 35 -10.46 6.73 8.64
CA PRO A 35 -10.96 7.28 7.37
C PRO A 35 -9.91 8.08 6.60
N ALA A 36 -9.96 7.96 5.27
CA ALA A 36 -8.96 8.58 4.40
C ALA A 36 -9.52 8.83 3.02
N MET A 37 -8.76 9.55 2.20
CA MET A 37 -9.12 9.68 0.78
C MET A 37 -7.97 9.14 -0.08
N VAL A 38 -8.28 8.36 -1.12
CA VAL A 38 -7.22 7.90 -2.03
C VAL A 38 -6.73 9.11 -2.82
N VAL A 39 -5.42 9.28 -2.89
CA VAL A 39 -4.82 10.40 -3.64
C VAL A 39 -3.78 9.90 -4.65
N SER A 40 -3.44 10.73 -5.63
CA SER A 40 -2.36 10.40 -6.55
C SER A 40 -1.03 10.54 -5.83
N TRP A 41 -0.04 9.76 -6.25
CA TRP A 41 1.29 9.89 -5.64
C TRP A 41 1.83 11.30 -5.83
N LYS A 42 1.35 11.99 -6.86
CA LYS A 42 1.82 13.35 -7.12
C LYS A 42 1.43 14.33 -6.00
N ALA A 43 0.42 13.97 -5.22
CA ALA A 43 -0.01 14.81 -4.12
C ALA A 43 0.86 14.66 -2.89
N THR A 44 1.67 13.59 -2.85
CA THR A 44 2.31 13.17 -1.61
C THR A 44 3.72 13.68 -1.33
N SER A 45 4.41 14.18 -2.36
CA SER A 45 5.83 14.55 -2.28
C SER A 45 6.73 13.35 -2.01
N LYS A 46 6.24 12.16 -2.34
CA LYS A 46 7.02 10.96 -2.07
C LYS A 46 7.44 10.26 -3.37
N ARG A 47 6.75 9.18 -3.72
CA ARG A 47 7.16 8.32 -4.83
C ARG A 47 5.91 7.59 -5.30
N GLN A 48 5.99 6.96 -6.47
CA GLN A 48 4.88 6.16 -6.96
C GLN A 48 4.60 5.00 -6.01
N ALA A 49 3.32 4.71 -5.80
CA ALA A 49 2.94 3.56 -4.95
C ALA A 49 3.27 2.25 -5.64
N MET A 50 3.72 1.26 -4.86
CA MET A 50 3.94 -0.07 -5.42
C MET A 50 2.64 -0.67 -5.95
N SER A 51 2.75 -1.48 -7.02
CA SER A 51 1.58 -2.11 -7.61
C SER A 51 0.81 -2.84 -6.51
N GLY A 52 -0.51 -2.70 -6.53
CA GLY A 52 -1.34 -3.30 -5.48
C GLY A 52 -1.53 -2.43 -4.26
N MET A 53 -0.87 -1.26 -4.23
CA MET A 53 -0.99 -0.35 -3.10
C MET A 53 -1.55 0.99 -3.57
N ARG A 54 -2.03 1.79 -2.63
CA ARG A 54 -2.58 3.12 -2.94
C ARG A 54 -2.01 4.13 -1.96
N TRP A 55 -1.80 5.37 -2.42
CA TRP A 55 -1.54 6.42 -1.47
C TRP A 55 -2.88 6.90 -0.93
N VAL A 56 -2.96 7.06 0.39
CA VAL A 56 -4.14 7.70 1.00
C VAL A 56 -3.73 8.86 1.89
N GLN A 57 -4.64 9.82 2.04
CA GLN A 57 -4.42 10.93 2.94
C GLN A 57 -5.45 10.80 4.07
N TRP A 58 -4.98 10.74 5.31
CA TRP A 58 -5.89 10.48 6.44
C TRP A 58 -6.67 11.71 6.83
N PHE A 59 -7.98 11.54 7.03
CA PHE A 59 -8.78 12.62 7.56
C PHE A 59 -8.38 12.95 8.98
N GLY A 60 -8.41 14.23 9.33
CA GLY A 60 -8.05 14.66 10.68
C GLY A 60 -6.62 15.08 10.88
N ASP A 61 -5.66 14.42 10.21
CA ASP A 61 -4.28 14.87 10.31
C ASP A 61 -3.57 15.16 8.98
N GLY A 62 -4.21 14.82 7.87
CA GLY A 62 -3.70 15.20 6.55
C GLY A 62 -2.44 14.51 6.11
N LYS A 63 -2.00 13.50 6.86
CA LYS A 63 -0.78 12.80 6.52
C LYS A 63 -1.00 11.75 5.42
N PHE A 64 0.08 11.38 4.72
CA PHE A 64 0.00 10.42 3.62
C PHE A 64 0.62 9.08 3.98
N SER A 65 -0.05 7.99 3.58
CA SER A 65 0.46 6.64 3.79
C SER A 65 0.25 5.80 2.56
N GLU A 66 1.22 4.92 2.30
CA GLU A 66 1.07 3.95 1.23
C GLU A 66 0.46 2.68 1.83
N VAL A 67 -0.74 2.32 1.38
CA VAL A 67 -1.52 1.24 1.99
C VAL A 67 -1.94 0.22 0.95
N SER A 68 -1.79 -1.07 1.28
CA SER A 68 -2.27 -2.11 0.38
C SER A 68 -3.76 -1.98 0.09
N ALA A 69 -4.17 -2.27 -1.14
CA ALA A 69 -5.59 -2.25 -1.46
C ALA A 69 -6.35 -3.31 -0.64
N ASP A 70 -5.63 -4.33 -0.16
CA ASP A 70 -6.25 -5.35 0.70
C ASP A 70 -6.51 -4.83 2.13
N LYS A 71 -5.93 -3.68 2.45
CA LYS A 71 -6.12 -3.07 3.75
C LYS A 71 -6.94 -1.78 3.63
N LEU A 72 -7.66 -1.64 2.51
CA LEU A 72 -8.63 -0.55 2.31
C LEU A 72 -10.03 -1.12 2.08
N VAL A 73 -11.05 -0.39 2.53
CA VAL A 73 -12.44 -0.72 2.20
C VAL A 73 -13.17 0.60 1.99
N ALA A 74 -14.30 0.56 1.27
CA ALA A 74 -15.09 1.78 1.02
C ALA A 74 -15.59 2.40 2.33
N LEU A 75 -15.52 3.73 2.44
CA LEU A 75 -16.01 4.40 3.65
C LEU A 75 -17.49 4.10 3.85
N GLY A 76 -18.19 3.85 2.76
CA GLY A 76 -19.62 3.55 2.79
C GLY A 76 -19.97 2.33 3.62
N LEU A 77 -19.00 1.43 3.81
CA LEU A 77 -19.19 0.30 4.73
C LEU A 77 -18.94 0.79 6.15
N PHE A 78 -19.77 1.73 6.60
CA PHE A 78 -19.48 2.53 7.78
C PHE A 78 -19.70 1.78 9.08
N SER A 79 -20.92 1.29 9.31
CA SER A 79 -21.19 0.61 10.58
C SER A 79 -20.22 -0.57 10.81
N GLN A 80 -19.83 -1.22 9.72
CA GLN A 80 -18.94 -2.37 9.82
CA GLN A 80 -18.93 -2.36 9.77
C GLN A 80 -17.55 -2.00 10.31
N HIS A 81 -17.05 -0.83 9.91
CA HIS A 81 -15.67 -0.48 10.25
C HIS A 81 -15.49 0.59 11.31
N PHE A 82 -16.57 1.32 11.61
CA PHE A 82 -16.56 2.28 12.71
C PHE A 82 -16.21 1.58 14.01
N ASN A 83 -15.29 2.15 14.77
CA ASN A 83 -14.87 1.50 16.02
C ASN A 83 -15.38 2.34 17.18
N LEU A 84 -16.43 1.85 17.82
CA LEU A 84 -17.09 2.62 18.87
C LEU A 84 -16.17 2.84 20.07
N ALA A 85 -15.37 1.85 20.43
CA ALA A 85 -14.43 2.01 21.53
C ALA A 85 -13.45 3.16 21.23
N THR A 86 -12.91 3.16 20.02
CA THR A 86 -11.94 4.19 19.64
C THR A 86 -12.62 5.55 19.63
N PHE A 87 -13.85 5.61 19.12
CA PHE A 87 -14.59 6.87 19.08
C PHE A 87 -14.77 7.43 20.48
N ASN A 88 -15.12 6.58 21.43
CA ASN A 88 -15.35 7.05 22.79
C ASN A 88 -14.05 7.49 23.46
N LYS A 89 -12.94 6.88 23.04
CA LYS A 89 -11.65 7.08 23.70
C LYS A 89 -10.82 8.26 23.16
N LEU A 90 -10.79 8.41 21.83
CA LEU A 90 -9.81 9.32 21.21
C LEU A 90 -10.44 10.54 20.54
N VAL A 91 -10.13 11.73 21.04
CA VAL A 91 -10.65 12.95 20.41
C VAL A 91 -10.17 13.03 18.95
N SER A 92 -8.99 12.46 18.69
CA SER A 92 -8.43 12.50 17.34
C SER A 92 -9.29 11.72 16.36
N TYR A 93 -9.90 10.63 16.83
CA TYR A 93 -10.77 9.83 15.98
C TYR A 93 -12.10 10.53 15.76
N ARG A 94 -12.64 11.20 16.78
CA ARG A 94 -13.88 11.93 16.59
C ARG A 94 -13.67 13.07 15.57
N LYS A 95 -12.52 13.70 15.64
CA LYS A 95 -12.17 14.79 14.72
C LYS A 95 -12.07 14.23 13.30
N ALA A 96 -11.43 13.07 13.17
CA ALA A 96 -11.33 12.40 11.88
C ALA A 96 -12.71 12.07 11.30
N MET A 97 -13.62 11.60 12.16
CA MET A 97 -14.97 11.30 11.73
C MET A 97 -15.66 12.55 11.19
N TYR A 98 -15.46 13.68 11.86
CA TYR A 98 -16.10 14.91 11.41
C TYR A 98 -15.63 15.27 9.99
N HIS A 99 -14.32 15.31 9.77
CA HIS A 99 -13.83 15.76 8.49
C HIS A 99 -14.17 14.77 7.38
N ALA A 100 -14.12 13.47 7.71
CA ALA A 100 -14.50 12.48 6.72
C ALA A 100 -15.97 12.58 6.35
N LEU A 101 -16.83 12.72 7.36
CA LEU A 101 -18.26 12.69 7.08
C LEU A 101 -18.73 13.99 6.45
N GLU A 102 -18.01 15.08 6.70
CA GLU A 102 -18.32 16.34 6.03
C GLU A 102 -18.01 16.23 4.53
N LYS A 103 -16.93 15.56 4.18
CA LYS A 103 -16.62 15.33 2.77
C LYS A 103 -17.72 14.45 2.15
N ALA A 104 -18.12 13.42 2.89
CA ALA A 104 -19.19 12.53 2.44
C ALA A 104 -20.50 13.28 2.23
N ARG A 105 -20.82 14.16 3.18
CA ARG A 105 -22.05 14.93 3.17
C ARG A 105 -22.12 15.79 1.91
N VAL A 106 -21.02 16.47 1.59
CA VAL A 106 -21.04 17.35 0.43
C VAL A 106 -21.15 16.56 -0.86
N ARG A 107 -20.44 15.44 -0.94
CA ARG A 107 -20.53 14.61 -2.14
C ARG A 107 -21.93 14.06 -2.38
N ALA A 108 -22.60 13.68 -1.30
CA ALA A 108 -23.91 13.05 -1.39
C ALA A 108 -24.99 14.10 -1.54
N GLY A 109 -24.63 15.38 -1.43
CA GLY A 109 -25.63 16.43 -1.50
C GLY A 109 -26.62 16.39 -0.35
N LYS A 110 -26.12 16.03 0.83
CA LYS A 110 -26.95 15.87 2.02
C LYS A 110 -26.90 17.12 2.86
N THR A 111 -28.02 17.50 3.47
CA THR A 111 -28.00 18.63 4.40
C THR A 111 -28.61 18.27 5.76
N PHE A 112 -28.07 18.88 6.82
CA PHE A 112 -28.63 18.69 8.16
C PHE A 112 -29.05 20.04 8.77
N PRO A 113 -30.01 20.00 9.69
CA PRO A 113 -30.35 21.18 10.51
C PRO A 113 -29.13 21.68 11.29
N SER A 114 -28.82 22.98 11.18
CA SER A 114 -27.68 23.55 11.86
C SER A 114 -28.11 24.59 12.90
N SER A 119 -20.88 23.85 17.01
CA SER A 119 -20.05 22.94 17.80
C SER A 119 -19.70 21.69 16.99
N LEU A 120 -18.45 21.21 17.11
CA LEU A 120 -18.02 20.02 16.38
C LEU A 120 -18.84 18.79 16.79
N GLU A 121 -18.89 18.53 18.09
CA GLU A 121 -19.61 17.39 18.63
C GLU A 121 -21.11 17.42 18.32
N ASP A 122 -21.71 18.60 18.41
CA ASP A 122 -23.12 18.75 18.05
C ASP A 122 -23.32 18.61 16.56
N GLN A 123 -22.36 19.12 15.77
CA GLN A 123 -22.42 18.97 14.32
C GLN A 123 -22.22 17.50 13.94
N LEU A 124 -21.35 16.83 14.66
CA LEU A 124 -20.99 15.45 14.33
C LEU A 124 -22.19 14.51 14.51
N LYS A 125 -22.99 14.76 15.54
CA LYS A 125 -24.06 13.82 15.89
C LYS A 125 -24.98 13.42 14.73
N PRO A 126 -25.61 14.39 14.04
CA PRO A 126 -26.47 13.91 12.95
C PRO A 126 -25.71 13.31 11.76
N MET A 127 -24.45 13.73 11.54
CA MET A 127 -23.64 13.19 10.47
C MET A 127 -23.32 11.72 10.78
N LEU A 128 -23.02 11.44 12.04
CA LEU A 128 -22.68 10.09 12.47
C LEU A 128 -23.92 9.18 12.39
N GLU A 129 -25.07 9.70 12.81
CA GLU A 129 -26.33 8.95 12.65
C GLU A 129 -26.62 8.63 11.20
N TRP A 130 -26.42 9.60 10.32
CA TRP A 130 -26.60 9.39 8.90
C TRP A 130 -25.67 8.30 8.36
N ALA A 131 -24.39 8.40 8.68
CA ALA A 131 -23.43 7.43 8.19
C ALA A 131 -23.75 6.03 8.72
N HIS A 132 -24.01 5.96 10.02
CA HIS A 132 -24.22 4.66 10.64
C HIS A 132 -25.49 4.00 10.09
N GLY A 133 -26.45 4.82 9.69
CA GLY A 133 -27.71 4.33 9.14
C GLY A 133 -27.69 3.96 7.66
N GLY A 134 -26.54 4.12 7.01
CA GLY A 134 -26.40 3.71 5.62
C GLY A 134 -26.47 4.84 4.61
N PHE A 135 -26.25 6.07 5.09
CA PHE A 135 -26.15 7.26 4.22
C PHE A 135 -27.41 7.50 3.39
N LYS A 136 -28.58 7.36 4.01
CA LYS A 136 -29.84 7.59 3.30
C LYS A 136 -30.05 9.09 3.09
N PRO A 137 -30.68 9.47 1.96
CA PRO A 137 -31.31 8.63 0.93
C PRO A 137 -30.42 8.11 -0.19
N THR A 138 -29.20 8.64 -0.36
CA THR A 138 -28.38 8.21 -1.50
C THR A 138 -27.85 6.80 -1.37
N GLY A 139 -27.57 6.37 -0.14
CA GLY A 139 -26.83 5.14 0.05
C GLY A 139 -25.39 5.44 -0.31
N ILE A 140 -24.57 4.40 -0.43
CA ILE A 140 -23.13 4.58 -0.61
C ILE A 140 -22.75 5.15 -1.99
N GLU A 141 -23.67 5.05 -2.96
CA GLU A 141 -23.45 5.65 -4.28
C GLU A 141 -23.17 7.15 -4.16
N GLY A 142 -23.76 7.77 -3.14
CA GLY A 142 -23.62 9.20 -2.95
C GLY A 142 -22.22 9.65 -2.56
N LEU A 143 -21.37 8.71 -2.15
CA LEU A 143 -20.03 9.06 -1.67
CA LEU A 143 -20.03 9.06 -1.67
C LEU A 143 -18.98 9.11 -2.78
N LYS A 144 -19.37 8.68 -3.98
CA LYS A 144 -18.42 8.63 -5.11
C LYS A 144 -17.89 10.03 -5.48
N PRO A 145 -16.60 10.10 -5.89
CA PRO A 145 -16.07 11.41 -6.29
C PRO A 145 -16.69 11.92 -7.59
N ASN A 146 -16.70 13.25 -7.79
CA ASN A 146 -17.14 13.95 -9.04
C ASN A 146 -18.53 14.59 -9.04
N SER B 10 -1.99 -14.16 -20.33
CA SER B 10 -1.43 -13.89 -21.65
C SER B 10 -0.05 -13.22 -21.53
N GLU B 11 -0.02 -12.05 -20.91
CA GLU B 11 1.23 -11.31 -20.71
C GLU B 11 2.25 -12.20 -20.00
N TYR B 12 3.48 -12.19 -20.51
CA TYR B 12 4.59 -12.96 -19.96
C TYR B 12 4.45 -14.50 -20.11
N GLN B 13 3.48 -14.95 -20.90
CA GLN B 13 3.38 -16.37 -21.20
C GLN B 13 4.34 -16.74 -22.34
N ASP B 14 5.64 -16.72 -22.05
CA ASP B 14 6.65 -16.95 -23.06
C ASP B 14 7.56 -18.13 -22.74
N GLY B 15 7.19 -18.90 -21.70
CA GLY B 15 7.95 -20.06 -21.31
C GLY B 15 9.16 -19.71 -20.47
N LYS B 16 9.34 -18.42 -20.18
CA LYS B 16 10.44 -17.98 -19.33
C LYS B 16 9.95 -17.74 -17.91
N GLU B 17 10.89 -17.50 -17.00
CA GLU B 17 10.60 -17.38 -15.59
C GLU B 17 9.90 -16.06 -15.24
N PHE B 18 9.18 -16.07 -14.12
CA PHE B 18 8.65 -14.87 -13.46
C PHE B 18 7.35 -14.36 -14.03
N GLY B 19 6.39 -14.14 -13.14
CA GLY B 19 5.10 -13.61 -13.52
C GLY B 19 4.71 -12.45 -12.64
N ILE B 20 3.58 -11.84 -12.98
CA ILE B 20 3.08 -10.67 -12.26
C ILE B 20 2.98 -10.94 -10.76
N GLY B 21 3.55 -10.04 -9.97
CA GLY B 21 3.54 -10.16 -8.51
C GLY B 21 4.77 -10.80 -7.90
N ASP B 22 5.60 -11.46 -8.71
CA ASP B 22 6.77 -12.14 -8.15
C ASP B 22 7.76 -11.14 -7.57
N LEU B 23 8.32 -11.45 -6.41
CA LEU B 23 9.34 -10.62 -5.80
C LEU B 23 10.70 -11.06 -6.31
N VAL B 24 11.50 -10.10 -6.78
CA VAL B 24 12.75 -10.44 -7.46
C VAL B 24 13.89 -9.53 -7.06
N TRP B 25 15.11 -9.95 -7.36
CA TRP B 25 16.22 -9.02 -7.45
C TRP B 25 16.47 -8.73 -8.93
N GLY B 26 16.75 -7.47 -9.27
CA GLY B 26 17.02 -7.07 -10.64
C GLY B 26 18.32 -6.30 -10.72
N LYS B 27 19.05 -6.45 -11.82
CA LYS B 27 20.40 -5.90 -11.91
C LYS B 27 20.52 -4.93 -13.09
N ILE B 28 20.75 -3.65 -12.80
CA ILE B 28 21.04 -2.67 -13.83
C ILE B 28 22.53 -2.31 -13.80
N LYS B 29 23.13 -2.11 -14.98
CA LYS B 29 24.55 -1.80 -15.07
C LYS B 29 24.89 -0.53 -14.30
N GLY B 30 25.87 -0.65 -13.40
CA GLY B 30 26.25 0.45 -12.54
C GLY B 30 25.51 0.41 -11.22
N PHE B 31 24.73 -0.63 -11.01
CA PHE B 31 23.93 -0.74 -9.79
C PHE B 31 24.00 -2.15 -9.20
N SER B 32 23.99 -2.22 -7.87
CA SER B 32 23.85 -3.50 -7.18
C SER B 32 22.58 -4.24 -7.63
N TRP B 33 22.45 -5.51 -7.25
CA TRP B 33 21.14 -6.15 -7.35
C TRP B 33 20.20 -5.40 -6.43
N TRP B 34 19.01 -5.08 -6.95
N TRP B 34 19.02 -5.03 -6.94
CA TRP B 34 18.02 -4.27 -6.22
CA TRP B 34 18.05 -4.29 -6.14
C TRP B 34 16.68 -5.02 -6.17
C TRP B 34 16.72 -5.02 -6.15
N PRO B 35 15.97 -4.93 -5.03
CA PRO B 35 14.70 -5.64 -4.95
C PRO B 35 13.58 -4.95 -5.72
N ALA B 36 12.72 -5.77 -6.33
CA ALA B 36 11.64 -5.26 -7.17
C ALA B 36 10.48 -6.23 -7.19
N MET B 37 9.36 -5.81 -7.77
CA MET B 37 8.24 -6.73 -8.00
C MET B 37 7.89 -6.71 -9.48
N VAL B 38 7.67 -7.88 -10.07
CA VAL B 38 7.25 -7.93 -11.48
C VAL B 38 5.83 -7.38 -11.57
N VAL B 39 5.60 -6.50 -12.55
CA VAL B 39 4.28 -5.89 -12.71
C VAL B 39 3.80 -6.00 -14.14
N SER B 40 2.50 -5.79 -14.34
CA SER B 40 1.97 -5.75 -15.70
C SER B 40 2.36 -4.44 -16.36
N TRP B 41 2.51 -4.44 -17.68
CA TRP B 41 2.84 -3.22 -18.39
C TRP B 41 1.75 -2.18 -18.17
N LYS B 42 0.54 -2.64 -17.88
CA LYS B 42 -0.58 -1.70 -17.71
C LYS B 42 -0.47 -0.83 -16.45
N ALA B 43 0.40 -1.23 -15.52
CA ALA B 43 0.53 -0.48 -14.26
C ALA B 43 1.60 0.60 -14.39
N THR B 44 2.36 0.57 -15.49
CA THR B 44 3.59 1.34 -15.57
C THR B 44 3.46 2.74 -16.16
N SER B 45 2.34 3.01 -16.84
CA SER B 45 2.16 4.24 -17.63
C SER B 45 3.19 4.33 -18.75
N LYS B 46 3.74 3.18 -19.16
CA LYS B 46 4.75 3.18 -20.23
C LYS B 46 4.26 2.44 -21.49
N ARG B 47 4.70 1.21 -21.71
CA ARG B 47 4.42 0.48 -22.95
C ARG B 47 4.54 -1.02 -22.71
N GLN B 48 4.08 -1.85 -23.64
CA GLN B 48 4.21 -3.30 -23.48
C GLN B 48 5.67 -3.70 -23.55
N ALA B 49 6.04 -4.72 -22.78
CA ALA B 49 7.41 -5.20 -22.79
C ALA B 49 7.75 -5.92 -24.10
N MET B 50 9.04 -5.90 -24.49
CA MET B 50 9.49 -6.69 -25.65
C MET B 50 9.62 -8.19 -25.33
N SER B 51 9.92 -9.00 -26.34
CA SER B 51 10.01 -10.46 -26.16
C SER B 51 10.92 -10.87 -25.01
N GLY B 52 10.40 -11.70 -24.12
CA GLY B 52 11.22 -12.26 -23.06
C GLY B 52 11.59 -11.29 -21.96
N MET B 53 11.04 -10.08 -22.00
CA MET B 53 11.30 -9.06 -20.99
C MET B 53 10.16 -8.99 -19.95
N ARG B 54 10.44 -8.37 -18.81
CA ARG B 54 9.43 -8.17 -17.77
C ARG B 54 9.49 -6.72 -17.34
N TRP B 55 8.35 -6.12 -17.02
CA TRP B 55 8.38 -4.86 -16.31
C TRP B 55 8.54 -5.17 -14.82
N VAL B 56 9.46 -4.46 -14.17
CA VAL B 56 9.61 -4.54 -12.71
C VAL B 56 9.44 -3.17 -12.10
N GLN B 57 9.01 -3.13 -10.85
CA GLN B 57 8.91 -1.87 -10.12
C GLN B 57 9.83 -1.97 -8.91
N TRP B 58 10.72 -1.01 -8.76
CA TRP B 58 11.75 -1.08 -7.73
C TRP B 58 11.19 -0.69 -6.38
N PHE B 59 11.42 -1.51 -5.36
CA PHE B 59 11.05 -1.10 -4.00
C PHE B 59 11.88 0.11 -3.58
N GLY B 60 11.31 0.98 -2.74
CA GLY B 60 12.07 2.13 -2.28
C GLY B 60 11.78 3.40 -3.06
N ASP B 61 11.89 3.35 -4.39
CA ASP B 61 11.57 4.53 -5.18
C ASP B 61 10.37 4.36 -6.11
N GLY B 62 9.89 3.13 -6.25
CA GLY B 62 8.65 2.89 -7.00
C GLY B 62 8.70 3.08 -8.50
N LYS B 63 9.91 3.21 -9.04
CA LYS B 63 10.08 3.43 -10.48
C LYS B 63 9.97 2.13 -11.27
N PHE B 64 9.67 2.25 -12.57
CA PHE B 64 9.49 1.08 -13.43
C PHE B 64 10.63 0.90 -14.43
N SER B 65 11.08 -0.34 -14.61
CA SER B 65 12.11 -0.67 -15.60
C SER B 65 11.78 -1.95 -16.35
N GLU B 66 12.18 -2.00 -17.62
CA GLU B 66 12.07 -3.24 -18.40
C GLU B 66 13.35 -4.08 -18.34
N VAL B 67 13.25 -5.33 -17.85
CA VAL B 67 14.43 -6.19 -17.62
C VAL B 67 14.21 -7.60 -18.19
N SER B 68 15.26 -8.23 -18.71
N SER B 68 15.27 -8.23 -18.71
CA SER B 68 15.16 -9.60 -19.22
CA SER B 68 15.15 -9.60 -19.22
C SER B 68 14.70 -10.57 -18.13
C SER B 68 14.72 -10.59 -18.15
N ALA B 69 13.76 -11.45 -18.48
CA ALA B 69 13.34 -12.51 -17.54
C ALA B 69 14.54 -13.37 -17.18
N ASP B 70 15.43 -13.56 -18.16
CA ASP B 70 16.62 -14.38 -17.95
C ASP B 70 17.67 -13.70 -17.06
N LYS B 71 17.45 -12.43 -16.73
CA LYS B 71 18.38 -11.70 -15.85
C LYS B 71 17.83 -11.41 -14.45
N LEU B 72 16.64 -11.90 -14.14
CA LEU B 72 16.06 -11.70 -12.80
C LEU B 72 16.34 -12.91 -11.94
N VAL B 73 16.42 -12.72 -10.62
CA VAL B 73 16.50 -13.85 -9.71
C VAL B 73 15.40 -13.69 -8.66
N ALA B 74 14.94 -14.80 -8.10
CA ALA B 74 13.90 -14.73 -7.08
C ALA B 74 14.46 -14.02 -5.85
N LEU B 75 13.61 -13.21 -5.19
CA LEU B 75 14.03 -12.54 -3.96
C LEU B 75 14.48 -13.57 -2.94
N GLY B 76 13.86 -14.75 -2.97
CA GLY B 76 14.21 -15.83 -2.07
C GLY B 76 15.66 -16.29 -2.06
N LEU B 77 16.40 -15.98 -3.12
CA LEU B 77 17.85 -16.16 -3.09
C LEU B 77 18.43 -14.93 -2.43
N PHE B 78 18.21 -14.82 -1.13
CA PHE B 78 18.38 -13.54 -0.45
C PHE B 78 19.82 -13.23 -0.09
N SER B 79 20.42 -14.10 0.73
CA SER B 79 21.79 -13.86 1.16
C SER B 79 22.75 -13.80 -0.02
N GLN B 80 22.41 -14.53 -1.09
CA GLN B 80 23.26 -14.55 -2.28
C GLN B 80 23.31 -13.21 -2.96
N HIS B 81 22.21 -12.46 -2.92
CA HIS B 81 22.17 -11.22 -3.69
C HIS B 81 22.16 -9.93 -2.87
N PHE B 82 21.85 -10.05 -1.59
CA PHE B 82 21.95 -8.93 -0.66
C PHE B 82 23.37 -8.39 -0.69
N ASN B 83 23.51 -7.06 -0.64
CA ASN B 83 24.83 -6.45 -0.67
C ASN B 83 25.06 -5.62 0.58
N LEU B 84 25.82 -6.16 1.53
CA LEU B 84 26.01 -5.50 2.81
C LEU B 84 26.71 -4.16 2.65
N ALA B 85 27.66 -4.09 1.72
CA ALA B 85 28.40 -2.86 1.50
C ALA B 85 27.46 -1.74 1.04
N THR B 86 26.57 -2.07 0.11
CA THR B 86 25.62 -1.07 -0.38
C THR B 86 24.63 -0.71 0.71
N PHE B 87 24.20 -1.72 1.47
CA PHE B 87 23.27 -1.51 2.58
C PHE B 87 23.84 -0.50 3.57
N ASN B 88 25.10 -0.67 3.96
CA ASN B 88 25.67 0.25 4.94
C ASN B 88 25.97 1.63 4.36
N LYS B 89 26.15 1.68 3.05
CA LYS B 89 26.53 2.93 2.39
C LYS B 89 25.34 3.80 1.97
N LEU B 90 24.22 3.18 1.57
CA LEU B 90 23.10 3.94 0.98
C LEU B 90 21.78 3.81 1.73
N VAL B 91 21.26 4.92 2.26
CA VAL B 91 19.97 4.88 2.95
C VAL B 91 18.89 4.42 1.97
N SER B 92 19.06 4.74 0.69
CA SER B 92 18.08 4.38 -0.33
C SER B 92 17.98 2.87 -0.48
N TYR B 93 19.09 2.16 -0.25
CA TYR B 93 19.08 0.70 -0.31
C TYR B 93 18.44 0.12 0.94
N ARG B 94 18.69 0.73 2.10
CA ARG B 94 18.04 0.27 3.34
C ARG B 94 16.52 0.46 3.25
N LYS B 95 16.12 1.59 2.68
N LYS B 95 16.09 1.59 2.69
CA LYS B 95 14.71 1.89 2.45
CA LYS B 95 14.65 1.81 2.51
C LYS B 95 14.09 0.84 1.53
C LYS B 95 14.07 0.80 1.53
N ALA B 96 14.79 0.53 0.45
CA ALA B 96 14.33 -0.47 -0.50
C ALA B 96 14.15 -1.82 0.17
N MET B 97 15.14 -2.19 0.99
CA MET B 97 15.07 -3.46 1.68
C MET B 97 13.89 -3.50 2.64
N TYR B 98 13.60 -2.39 3.30
CA TYR B 98 12.47 -2.36 4.21
C TYR B 98 11.16 -2.64 3.47
N HIS B 99 10.92 -1.91 2.39
CA HIS B 99 9.66 -2.08 1.69
C HIS B 99 9.53 -3.46 1.04
N ALA B 100 10.63 -3.99 0.53
CA ALA B 100 10.62 -5.32 -0.08
C ALA B 100 10.29 -6.38 0.96
N LEU B 101 10.95 -6.29 2.11
CA LEU B 101 10.77 -7.30 3.13
C LEU B 101 9.43 -7.16 3.86
N GLU B 102 8.90 -5.95 3.90
CA GLU B 102 7.56 -5.74 4.45
C GLU B 102 6.51 -6.44 3.56
N LYS B 103 6.68 -6.34 2.25
N LYS B 103 6.69 -6.34 2.25
CA LYS B 103 5.79 -7.04 1.33
CA LYS B 103 5.81 -7.03 1.32
C LYS B 103 5.93 -8.55 1.51
C LYS B 103 5.94 -8.55 1.49
N ALA B 104 7.16 -9.01 1.65
CA ALA B 104 7.43 -10.43 1.86
C ALA B 104 6.76 -10.90 3.16
N ARG B 105 6.91 -10.10 4.21
CA ARG B 105 6.35 -10.44 5.52
C ARG B 105 4.84 -10.60 5.46
N VAL B 106 4.16 -9.62 4.86
CA VAL B 106 2.71 -9.68 4.72
C VAL B 106 2.26 -10.93 3.97
N ARG B 107 2.96 -11.24 2.88
CA ARG B 107 2.60 -12.39 2.07
C ARG B 107 2.75 -13.70 2.83
N ALA B 108 3.78 -13.77 3.66
CA ALA B 108 4.11 -14.99 4.39
C ALA B 108 3.28 -15.13 5.66
N GLY B 109 2.56 -14.08 6.02
CA GLY B 109 1.82 -14.06 7.26
C GLY B 109 2.73 -14.02 8.47
N LYS B 110 3.93 -13.46 8.28
CA LYS B 110 4.93 -13.37 9.33
C LYS B 110 4.68 -12.13 10.20
N THR B 111 5.05 -12.22 11.48
CA THR B 111 4.96 -11.06 12.36
C THR B 111 6.26 -10.82 13.11
N PHE B 112 6.54 -9.56 13.42
CA PHE B 112 7.69 -9.22 14.25
C PHE B 112 7.26 -8.33 15.42
N PRO B 113 7.84 -8.60 16.60
CA PRO B 113 7.68 -7.76 17.79
C PRO B 113 8.09 -6.32 17.50
N SER B 114 7.14 -5.40 17.62
CA SER B 114 7.40 -3.99 17.38
C SER B 114 7.59 -3.24 18.70
N SER B 115 7.90 -1.96 18.58
CA SER B 115 8.12 -1.09 19.73
C SER B 115 8.37 0.34 19.23
N PRO B 116 7.38 1.22 19.36
CA PRO B 116 7.62 2.60 18.94
C PRO B 116 8.55 3.28 19.93
N GLY B 117 9.40 4.19 19.46
CA GLY B 117 9.53 4.49 18.05
C GLY B 117 10.83 3.94 17.49
N ASP B 118 10.82 2.66 17.14
CA ASP B 118 11.99 2.04 16.53
C ASP B 118 12.33 2.70 15.20
N SER B 119 13.61 2.93 14.96
CA SER B 119 14.05 3.55 13.73
C SER B 119 13.95 2.59 12.54
N LEU B 120 14.39 3.05 11.38
CA LEU B 120 14.45 2.22 10.19
C LEU B 120 15.33 0.99 10.41
N GLU B 121 16.57 1.23 10.82
CA GLU B 121 17.53 0.15 11.08
C GLU B 121 16.99 -0.83 12.11
N ASP B 122 16.30 -0.32 13.13
CA ASP B 122 15.73 -1.16 14.18
C ASP B 122 14.66 -2.11 13.63
N GLN B 123 13.73 -1.57 12.84
CA GLN B 123 12.68 -2.39 12.23
C GLN B 123 13.29 -3.44 11.29
N LEU B 124 14.34 -3.05 10.57
CA LEU B 124 14.98 -3.92 9.59
C LEU B 124 15.69 -5.11 10.22
N LYS B 125 16.28 -4.91 11.40
CA LYS B 125 17.09 -5.95 12.02
C LYS B 125 16.41 -7.35 12.06
N PRO B 126 15.20 -7.46 12.64
CA PRO B 126 14.60 -8.79 12.63
C PRO B 126 14.11 -9.24 11.25
N MET B 127 13.79 -8.28 10.37
CA MET B 127 13.35 -8.66 9.04
C MET B 127 14.51 -9.29 8.24
N LEU B 128 15.70 -8.70 8.38
CA LEU B 128 16.89 -9.19 7.71
C LEU B 128 17.31 -10.53 8.28
N GLU B 129 17.17 -10.70 9.59
CA GLU B 129 17.51 -11.99 10.18
C GLU B 129 16.58 -13.06 9.64
N TRP B 130 15.31 -12.71 9.50
CA TRP B 130 14.31 -13.61 8.95
C TRP B 130 14.65 -14.00 7.51
N ALA B 131 14.98 -13.00 6.68
CA ALA B 131 15.32 -13.25 5.28
C ALA B 131 16.61 -14.08 5.14
N HIS B 132 17.68 -13.65 5.81
CA HIS B 132 18.94 -14.39 5.77
C HIS B 132 18.77 -15.83 6.27
N GLY B 133 17.80 -16.05 7.15
CA GLY B 133 17.58 -17.35 7.76
C GLY B 133 16.69 -18.27 6.96
N GLY B 134 16.24 -17.80 5.79
CA GLY B 134 15.48 -18.66 4.89
C GLY B 134 13.98 -18.48 5.00
N PHE B 135 13.57 -17.32 5.51
CA PHE B 135 12.16 -16.96 5.59
C PHE B 135 11.30 -17.99 6.34
N LYS B 136 11.81 -18.47 7.46
CA LYS B 136 11.09 -19.43 8.30
C LYS B 136 9.94 -18.76 9.03
N PRO B 137 8.83 -19.49 9.26
CA PRO B 137 8.60 -20.91 8.99
C PRO B 137 8.11 -21.26 7.59
N THR B 138 7.63 -20.29 6.81
CA THR B 138 7.05 -20.60 5.50
C THR B 138 8.08 -21.08 4.48
N GLY B 139 9.30 -20.59 4.60
CA GLY B 139 10.27 -20.74 3.53
C GLY B 139 9.85 -19.83 2.39
N ILE B 140 10.52 -19.94 1.25
CA ILE B 140 10.25 -19.04 0.13
C ILE B 140 8.87 -19.21 -0.50
N GLU B 141 8.19 -20.32 -0.19
CA GLU B 141 6.83 -20.52 -0.67
C GLU B 141 5.93 -19.39 -0.18
N GLY B 142 6.26 -18.84 0.99
CA GLY B 142 5.47 -17.79 1.61
C GLY B 142 5.55 -16.46 0.87
N LEU B 143 6.52 -16.32 -0.03
CA LEU B 143 6.74 -15.06 -0.75
C LEU B 143 5.91 -14.95 -2.02
N LYS B 144 5.31 -16.06 -2.42
CA LYS B 144 4.51 -16.10 -3.65
C LYS B 144 3.26 -15.21 -3.58
N PRO B 145 2.91 -14.59 -4.71
CA PRO B 145 1.69 -13.78 -4.76
C PRO B 145 0.44 -14.64 -4.73
N ASN B 146 -0.71 -14.06 -4.37
CA ASN B 146 -2.02 -14.71 -4.53
C ASN B 146 -3.19 -13.73 -4.42
C10 96E C . -3.24 8.98 15.51
O01 96E C . 0.20 8.38 9.99
C02 96E C . -1.01 9.06 10.30
C03 96E C . -1.66 8.81 11.65
N04 96E C . -3.04 8.51 11.65
C05 96E C . -3.20 7.34 10.79
C06 96E C . -4.23 6.31 11.20
C07 96E C . -3.93 4.89 10.85
C08 96E C . -3.50 8.17 13.03
C09 96E C . -3.68 9.30 14.06
C11 96E C . -4.19 9.35 16.65
C12 96E C . -3.62 9.63 18.02
O13 96E C . -4.47 10.18 18.96
S SO4 D . 6.97 6.15 3.54
O1 SO4 D . 6.29 5.13 2.75
O2 SO4 D . 5.98 7.11 4.03
O3 SO4 D . 7.97 6.83 2.71
O4 SO4 D . 7.66 5.52 4.67
S SO4 E . -3.64 -3.85 15.40
O1 SO4 E . -4.31 -2.67 15.94
O2 SO4 E . -4.53 -4.56 14.50
O3 SO4 E . -2.44 -3.44 14.69
O4 SO4 E . -3.25 -4.73 16.51
S SO4 F . -15.46 16.06 -5.33
O1 SO4 F . -15.22 17.40 -5.87
O2 SO4 F . -16.88 15.75 -5.44
O3 SO4 F . -15.05 16.05 -3.91
O4 SO4 F . -14.68 15.09 -6.10
C10 96E G . 19.21 4.83 -6.29
O01 96E G . 15.30 3.34 -11.61
C02 96E G . 15.75 3.66 -10.30
C03 96E G . 16.05 2.54 -9.32
N04 96E G . 17.37 2.41 -8.84
C05 96E G . 17.61 0.99 -8.55
C06 96E G . 18.71 0.30 -9.35
C07 96E G . 18.25 -0.71 -10.35
C08 96E G . 17.58 3.19 -7.57
C09 96E G . 19.02 3.62 -7.25
C11 96E G . 20.62 5.08 -5.72
C12 96E G . 20.91 6.43 -5.09
O13 96E G . 20.90 6.51 -3.71
S SO4 H . 12.03 3.49 -20.05
O1 SO4 H . 13.29 4.22 -20.25
O2 SO4 H . 10.99 4.09 -20.88
O3 SO4 H . 11.67 3.61 -18.64
O4 SO4 H . 12.23 2.10 -20.39
S SO4 I . -0.61 -10.06 -3.36
O1 SO4 I . -1.94 -9.46 -3.31
O2 SO4 I . -0.50 -10.85 -4.58
O3 SO4 I . 0.39 -8.98 -3.35
O4 SO4 I . -0.40 -10.93 -2.21
#